data_3IUV
#
_entry.id   3IUV
#
_cell.length_a   58.577
_cell.length_b   58.577
_cell.length_c   109.226
_cell.angle_alpha   90.00
_cell.angle_beta   90.00
_cell.angle_gamma   120.00
#
_symmetry.space_group_name_H-M   'P 31 2 1'
#
_entity_poly.entity_id   1
_entity_poly.type   'polypeptide(L)'
_entity_poly.pdbx_seq_one_letter_code
;GH(MSE)PRRHDPERRQRIIDAAIRVVGQKGIAGLSHRTVAAEADVPLGSTTYHFATLDDL(MSE)VAALRQANEGFARV
VAAHPALSDPEADLSGELARVLGEWLGGDRTGVELEYELYLAALRRPALRPVAAEWAEGVGALLAARTDPTTARALVAVL
DGICLQVLLTDTPYDEEYAREVLTRLIPVPATRDGRGPGSHPPATAGGS
;
_entity_poly.pdbx_strand_id   A
#
# COMPACT_ATOMS: atom_id res chain seq x y z
N PRO A 9 15.97 -5.59 -10.77
CA PRO A 9 17.22 -6.30 -11.06
C PRO A 9 17.61 -7.24 -9.92
N GLU A 10 18.61 -6.85 -9.13
CA GLU A 10 18.92 -7.51 -7.86
C GLU A 10 19.93 -6.67 -7.11
N ARG A 11 20.66 -5.86 -7.87
CA ARG A 11 21.42 -4.80 -7.26
C ARG A 11 20.42 -3.79 -6.72
N ARG A 12 19.55 -3.28 -7.61
CA ARG A 12 18.66 -2.18 -7.27
C ARG A 12 17.52 -2.60 -6.33
N GLN A 13 17.19 -3.88 -6.35
CA GLN A 13 16.20 -4.42 -5.47
C GLN A 13 16.72 -4.40 -4.03
N ARG A 14 17.93 -4.91 -3.86
CA ARG A 14 18.56 -4.95 -2.55
C ARG A 14 18.49 -3.57 -1.97
N ILE A 15 18.75 -2.59 -2.84
CA ILE A 15 18.73 -1.18 -2.44
C ILE A 15 17.33 -0.76 -1.95
N ILE A 16 16.32 -0.92 -2.79
CA ILE A 16 14.95 -0.56 -2.45
C ILE A 16 14.48 -1.24 -1.18
N ASP A 17 14.79 -2.52 -1.07
CA ASP A 17 14.38 -3.31 0.10
C ASP A 17 15.01 -2.73 1.34
N ALA A 18 16.27 -2.35 1.21
CA ALA A 18 16.98 -1.74 2.31
C ALA A 18 16.34 -0.40 2.69
N ALA A 19 16.00 0.40 1.69
CA ALA A 19 15.32 1.67 1.93
C ALA A 19 14.10 1.33 2.73
N ILE A 20 13.39 0.31 2.25
CA ILE A 20 12.21 -0.20 2.92
C ILE A 20 12.49 -0.46 4.40
N ARG A 21 13.51 -1.23 4.72
CA ARG A 21 13.78 -1.56 6.12
C ARG A 21 14.21 -0.35 6.94
N VAL A 22 15.03 0.51 6.35
CA VAL A 22 15.50 1.70 7.03
C VAL A 22 14.31 2.53 7.59
N VAL A 23 13.20 2.58 6.87
CA VAL A 23 12.11 3.51 7.20
C VAL A 23 11.07 3.05 8.24
N GLY A 24 10.54 1.84 8.10
CA GLY A 24 9.58 1.34 9.06
C GLY A 24 10.27 1.25 10.41
N GLN A 25 11.59 1.39 10.36
CA GLN A 25 12.47 1.22 11.50
C GLN A 25 13.15 2.55 11.88
N LYS A 26 13.09 3.55 10.99
CA LYS A 26 13.67 4.86 11.29
C LYS A 26 12.93 6.00 10.58
N GLY A 27 11.84 5.67 9.89
CA GLY A 27 10.94 6.66 9.34
C GLY A 27 11.44 7.46 8.16
N ILE A 28 10.59 8.38 7.71
CA ILE A 28 10.91 9.30 6.62
C ILE A 28 12.27 9.96 6.80
N ALA A 29 12.63 10.20 8.05
CA ALA A 29 13.78 11.02 8.38
C ALA A 29 15.07 10.24 8.57
N GLY A 30 14.97 8.92 8.59
CA GLY A 30 16.13 8.07 8.83
C GLY A 30 16.72 7.46 7.58
N LEU A 31 16.21 7.87 6.42
CA LEU A 31 16.59 7.23 5.17
C LEU A 31 17.19 8.20 4.16
N SER A 32 18.46 7.99 3.84
CA SER A 32 19.17 8.81 2.87
C SER A 32 20.14 7.90 2.14
N HIS A 33 20.55 8.32 0.95
CA HIS A 33 21.52 7.56 0.17
C HIS A 33 22.56 6.88 1.03
N ARG A 34 23.12 7.63 1.96
CA ARG A 34 24.20 7.13 2.77
C ARG A 34 23.71 6.05 3.74
N THR A 35 22.48 6.20 4.24
CA THR A 35 21.94 5.28 5.25
C THR A 35 21.39 4.03 4.60
N VAL A 36 20.79 4.22 3.44
CA VAL A 36 20.41 3.12 2.58
C VAL A 36 21.64 2.35 2.07
N ALA A 37 22.70 3.07 1.76
CA ALA A 37 23.94 2.40 1.32
C ALA A 37 24.45 1.50 2.45
N ALA A 38 24.58 2.08 3.64
CA ALA A 38 24.94 1.31 4.81
C ALA A 38 24.06 0.06 4.95
N GLU A 39 22.75 0.26 5.07
CA GLU A 39 21.86 -0.88 5.31
C GLU A 39 21.98 -1.95 4.25
N ALA A 40 22.27 -1.54 3.01
CA ALA A 40 22.30 -2.47 1.90
C ALA A 40 23.67 -3.12 1.74
N ASP A 41 24.65 -2.64 2.49
CA ASP A 41 26.03 -3.06 2.30
C ASP A 41 26.33 -2.97 0.81
N VAL A 42 26.25 -1.74 0.31
CA VAL A 42 26.31 -1.45 -1.10
C VAL A 42 26.96 -0.08 -1.18
N PRO A 43 27.81 0.12 -2.18
CA PRO A 43 28.46 1.43 -2.29
C PRO A 43 27.45 2.57 -2.45
N LEU A 44 27.78 3.73 -1.89
CA LEU A 44 26.97 4.90 -2.11
C LEU A 44 26.74 5.06 -3.60
N GLY A 45 27.81 4.86 -4.37
CA GLY A 45 27.80 5.03 -5.82
C GLY A 45 26.73 4.18 -6.51
N SER A 46 26.55 2.94 -6.05
CA SER A 46 25.50 2.05 -6.52
C SER A 46 24.16 2.70 -6.28
N THR A 47 24.03 3.06 -5.03
CA THR A 47 22.90 3.74 -4.49
C THR A 47 22.48 4.90 -5.39
N THR A 48 23.44 5.72 -5.78
CA THR A 48 23.08 6.89 -6.54
C THR A 48 22.94 6.56 -8.04
N TYR A 49 23.64 5.53 -8.47
CA TYR A 49 23.60 5.08 -9.85
C TYR A 49 22.16 4.66 -10.15
N HIS A 50 21.52 4.09 -9.16
CA HIS A 50 20.14 3.69 -9.30
C HIS A 50 19.13 4.76 -8.88
N PHE A 51 19.52 5.68 -8.00
CA PHE A 51 18.56 6.69 -7.57
C PHE A 51 19.24 8.00 -7.35
N ALA A 52 19.06 8.93 -8.29
CA ALA A 52 19.59 10.28 -8.16
C ALA A 52 18.94 11.07 -7.01
N THR A 53 17.65 11.41 -7.15
CA THR A 53 16.98 12.16 -6.09
C THR A 53 16.73 11.20 -4.95
N LEU A 54 16.56 11.74 -3.75
CA LEU A 54 16.18 10.95 -2.60
C LEU A 54 14.77 10.52 -2.86
N ASP A 55 14.09 11.27 -3.73
CA ASP A 55 12.70 10.99 -4.06
C ASP A 55 12.56 9.67 -4.77
N ASP A 56 13.37 9.49 -5.81
CA ASP A 56 13.31 8.28 -6.63
C ASP A 56 13.44 7.08 -5.74
N LEU A 57 14.28 7.19 -4.72
CA LEU A 57 14.38 6.10 -3.78
C LEU A 57 13.05 5.90 -3.05
N MSE A 58 12.55 6.95 -2.40
CA MSE A 58 11.24 6.85 -1.74
C MSE A 58 10.13 6.55 -2.73
O MSE A 58 9.10 5.95 -2.37
CB MSE A 58 10.90 8.11 -0.98
CG MSE A 58 11.79 8.34 0.23
SE MSE A 58 11.14 9.74 1.39
CE MSE A 58 12.88 10.42 2.00
N VAL A 59 10.31 6.98 -3.98
CA VAL A 59 9.27 6.76 -4.98
C VAL A 59 9.22 5.32 -5.38
N ALA A 60 10.40 4.76 -5.64
CA ALA A 60 10.49 3.35 -5.95
C ALA A 60 10.07 2.61 -4.70
N ALA A 61 10.64 3.00 -3.57
CA ALA A 61 10.38 2.34 -2.30
C ALA A 61 8.88 2.08 -2.09
N LEU A 62 8.06 3.09 -2.37
CA LEU A 62 6.63 2.93 -2.21
C LEU A 62 5.96 2.17 -3.35
N ARG A 63 6.15 2.62 -4.57
CA ARG A 63 5.55 1.95 -5.72
C ARG A 63 5.66 0.44 -5.59
N GLN A 64 6.71 -0.03 -4.91
CA GLN A 64 6.85 -1.45 -4.60
C GLN A 64 5.76 -1.88 -3.64
N ALA A 65 5.60 -1.13 -2.54
CA ALA A 65 4.47 -1.35 -1.65
C ALA A 65 3.21 -1.45 -2.49
N ASN A 66 2.87 -0.36 -3.18
CA ASN A 66 1.76 -0.34 -4.14
C ASN A 66 1.65 -1.58 -5.04
N GLU A 67 2.77 -2.14 -5.50
CA GLU A 67 2.71 -3.34 -6.34
C GLU A 67 2.46 -4.62 -5.53
N GLY A 68 2.86 -4.61 -4.26
CA GLY A 68 2.61 -5.73 -3.36
C GLY A 68 1.14 -5.97 -3.09
N PHE A 69 0.43 -4.89 -2.78
CA PHE A 69 -1.02 -4.92 -2.56
C PHE A 69 -1.79 -5.31 -3.85
N ALA A 70 -1.39 -4.74 -4.98
CA ALA A 70 -2.02 -5.04 -6.28
C ALA A 70 -1.81 -6.51 -6.64
N ARG A 71 -0.92 -7.17 -5.92
CA ARG A 71 -0.66 -8.58 -6.13
C ARG A 71 -1.51 -9.44 -5.20
N VAL A 72 -2.00 -8.82 -4.12
CA VAL A 72 -3.02 -9.43 -3.27
C VAL A 72 -4.36 -9.36 -4.02
N VAL A 73 -4.58 -8.21 -4.63
CA VAL A 73 -5.77 -7.94 -5.40
C VAL A 73 -5.84 -8.86 -6.60
N ALA A 74 -4.79 -8.83 -7.40
CA ALA A 74 -4.68 -9.71 -8.56
C ALA A 74 -4.77 -11.19 -8.14
N ALA A 75 -4.60 -11.49 -6.85
CA ALA A 75 -4.79 -12.87 -6.37
C ALA A 75 -6.24 -13.16 -5.98
N HIS A 76 -7.11 -12.16 -6.10
CA HIS A 76 -8.54 -12.41 -6.01
C HIS A 76 -9.22 -11.85 -7.23
N PRO A 77 -9.22 -12.65 -8.29
CA PRO A 77 -9.82 -12.34 -9.60
C PRO A 77 -11.33 -12.19 -9.42
N ALA A 78 -11.87 -12.97 -8.48
CA ALA A 78 -13.27 -12.90 -8.10
C ALA A 78 -13.86 -11.47 -7.87
N LEU A 79 -13.03 -10.51 -7.47
CA LEU A 79 -13.51 -9.13 -7.24
C LEU A 79 -14.20 -8.57 -8.46
N SER A 80 -13.71 -8.94 -9.63
CA SER A 80 -14.24 -8.42 -10.88
C SER A 80 -15.39 -9.31 -11.36
N ASP A 81 -15.59 -10.42 -10.65
CA ASP A 81 -16.67 -11.34 -10.96
C ASP A 81 -17.96 -10.94 -10.23
N PRO A 82 -19.00 -10.57 -11.00
CA PRO A 82 -20.31 -10.14 -10.48
C PRO A 82 -21.09 -11.25 -9.76
N GLU A 83 -20.80 -12.51 -10.07
CA GLU A 83 -21.44 -13.61 -9.37
C GLU A 83 -20.83 -13.82 -7.99
N ALA A 84 -19.62 -13.27 -7.81
CA ALA A 84 -18.90 -13.45 -6.57
C ALA A 84 -19.30 -12.41 -5.51
N ASP A 85 -19.17 -12.79 -4.25
CA ASP A 85 -19.53 -11.95 -3.12
C ASP A 85 -18.52 -10.81 -2.95
N LEU A 86 -18.90 -9.62 -3.39
CA LEU A 86 -18.00 -8.48 -3.37
C LEU A 86 -17.45 -8.17 -1.97
N SER A 87 -18.33 -7.98 -1.01
CA SER A 87 -17.97 -7.73 0.38
C SER A 87 -16.99 -8.77 0.86
N GLY A 88 -17.39 -10.02 0.70
CA GLY A 88 -16.56 -11.15 1.12
C GLY A 88 -15.17 -11.09 0.54
N GLU A 89 -15.07 -10.84 -0.75
CA GLU A 89 -13.78 -10.83 -1.45
C GLU A 89 -12.88 -9.70 -0.96
N LEU A 90 -13.47 -8.51 -0.78
CA LEU A 90 -12.71 -7.38 -0.26
C LEU A 90 -12.21 -7.62 1.16
N ALA A 91 -13.04 -8.21 2.02
CA ALA A 91 -12.64 -8.45 3.40
C ALA A 91 -11.47 -9.42 3.45
N ARG A 92 -11.36 -10.27 2.43
CA ARG A 92 -10.26 -11.23 2.35
C ARG A 92 -8.99 -10.62 1.72
N VAL A 93 -9.13 -9.65 0.83
CA VAL A 93 -7.97 -8.91 0.37
C VAL A 93 -7.36 -8.14 1.55
N LEU A 94 -8.22 -7.41 2.26
CA LEU A 94 -7.81 -6.74 3.48
C LEU A 94 -7.23 -7.70 4.53
N GLY A 95 -7.84 -8.86 4.71
CA GLY A 95 -7.33 -9.85 5.64
C GLY A 95 -5.90 -10.26 5.30
N GLU A 96 -5.59 -10.42 4.02
CA GLU A 96 -4.26 -10.78 3.60
C GLU A 96 -3.28 -9.61 3.71
N TRP A 97 -3.61 -8.50 3.07
CA TRP A 97 -2.81 -7.27 3.11
C TRP A 97 -2.38 -6.89 4.53
N LEU A 98 -3.11 -7.39 5.52
CA LEU A 98 -2.80 -7.06 6.91
C LEU A 98 -2.10 -8.24 7.65
N GLY A 99 -2.64 -9.45 7.53
CA GLY A 99 -1.97 -10.62 8.08
C GLY A 99 -0.48 -10.60 7.78
N GLY A 100 0.34 -10.87 8.78
CA GLY A 100 1.78 -10.69 8.67
C GLY A 100 2.21 -9.64 9.67
N ASP A 101 3.19 -8.80 9.33
CA ASP A 101 3.55 -7.70 10.21
C ASP A 101 3.38 -6.32 9.57
N ARG A 102 2.25 -6.13 8.90
CA ARG A 102 1.77 -4.83 8.41
C ARG A 102 2.75 -4.03 7.53
N THR A 103 3.97 -4.54 7.42
CA THR A 103 5.10 -3.77 6.93
C THR A 103 4.83 -2.85 5.70
N GLY A 104 4.16 -3.39 4.69
CA GLY A 104 3.85 -2.64 3.48
C GLY A 104 2.76 -1.60 3.67
N VAL A 105 1.88 -1.87 4.63
CA VAL A 105 0.83 -0.93 5.04
C VAL A 105 1.40 0.21 5.91
N GLU A 106 2.39 -0.12 6.73
CA GLU A 106 3.13 0.89 7.46
C GLU A 106 3.66 1.88 6.42
N LEU A 107 4.30 1.30 5.40
CA LEU A 107 4.81 2.03 4.27
C LEU A 107 3.79 2.94 3.61
N GLU A 108 2.60 2.42 3.35
CA GLU A 108 1.62 3.13 2.51
C GLU A 108 1.05 4.39 3.17
N TYR A 109 1.08 4.41 4.48
CA TYR A 109 0.56 5.56 5.19
C TYR A 109 1.74 6.45 5.45
N GLU A 110 2.86 5.81 5.81
CA GLU A 110 4.12 6.49 6.01
C GLU A 110 4.38 7.25 4.73
N LEU A 111 4.14 6.56 3.61
CA LEU A 111 4.15 7.17 2.31
C LEU A 111 3.10 8.26 2.23
N TYR A 112 1.86 7.93 2.58
CA TYR A 112 0.78 8.90 2.48
C TYR A 112 1.15 10.19 3.23
N LEU A 113 1.82 10.01 4.36
CA LEU A 113 2.36 11.10 5.15
C LEU A 113 3.34 11.95 4.32
N ALA A 114 4.48 11.37 3.97
CA ALA A 114 5.45 12.12 3.18
C ALA A 114 4.76 12.68 1.94
N ALA A 115 3.77 11.94 1.46
CA ALA A 115 2.99 12.33 0.30
C ALA A 115 2.22 13.63 0.58
N LEU A 116 1.30 13.57 1.54
CA LEU A 116 0.49 14.73 1.86
C LEU A 116 1.34 15.98 1.83
N ARG A 117 2.29 16.06 2.76
CA ARG A 117 3.19 17.21 2.85
C ARG A 117 3.76 17.59 1.49
N ARG A 118 4.25 16.62 0.74
CA ARG A 118 4.98 16.90 -0.49
C ARG A 118 4.14 17.00 -1.76
N PRO A 119 4.79 17.43 -2.83
CA PRO A 119 4.17 17.44 -4.14
C PRO A 119 4.26 16.03 -4.73
N ALA A 120 4.86 15.11 -3.96
CA ALA A 120 4.90 13.71 -4.34
C ALA A 120 3.61 13.00 -3.90
N LEU A 121 2.53 13.79 -3.77
CA LEU A 121 1.22 13.28 -3.38
C LEU A 121 0.84 12.04 -4.20
N ARG A 122 0.91 12.18 -5.53
CA ARG A 122 0.30 11.23 -6.48
C ARG A 122 0.70 9.72 -6.44
N PRO A 123 2.00 9.39 -6.52
CA PRO A 123 2.36 7.97 -6.63
C PRO A 123 1.80 7.13 -5.49
N VAL A 124 2.17 7.50 -4.27
CA VAL A 124 1.61 6.87 -3.11
C VAL A 124 0.12 7.06 -3.25
N ALA A 125 -0.27 8.32 -3.22
CA ALA A 125 -1.67 8.65 -3.13
C ALA A 125 -2.45 7.77 -4.05
N ALA A 126 -2.84 8.34 -5.18
CA ALA A 126 -3.82 7.71 -6.02
C ALA A 126 -3.47 6.26 -6.32
N GLU A 127 -2.22 6.03 -6.69
CA GLU A 127 -1.84 4.77 -7.32
C GLU A 127 -2.50 3.60 -6.61
N TRP A 128 -2.45 3.62 -5.28
CA TRP A 128 -3.16 2.67 -4.44
C TRP A 128 -4.57 2.42 -4.99
N ALA A 129 -5.49 3.35 -4.69
CA ALA A 129 -6.90 3.13 -4.99
C ALA A 129 -7.28 3.41 -6.43
N GLU A 130 -6.31 3.75 -7.26
CA GLU A 130 -6.55 3.96 -8.68
C GLU A 130 -7.03 2.68 -9.37
N GLY A 131 -6.32 1.58 -9.13
CA GLY A 131 -6.68 0.31 -9.75
C GLY A 131 -7.87 -0.33 -9.05
N VAL A 132 -7.86 -0.24 -7.73
CA VAL A 132 -8.94 -0.72 -6.87
C VAL A 132 -10.24 0.00 -7.24
N GLY A 133 -10.20 1.32 -7.17
CA GLY A 133 -11.32 2.17 -7.57
C GLY A 133 -11.80 1.94 -8.99
N ALA A 134 -10.86 1.84 -9.93
CA ALA A 134 -11.21 1.51 -11.31
C ALA A 134 -11.94 0.17 -11.42
N LEU A 135 -11.49 -0.81 -10.67
CA LEU A 135 -12.10 -2.13 -10.69
C LEU A 135 -13.46 -2.08 -10.01
N LEU A 136 -13.51 -1.53 -8.80
CA LEU A 136 -14.77 -1.39 -8.07
C LEU A 136 -15.82 -0.57 -8.84
N ALA A 137 -15.40 0.54 -9.44
CA ALA A 137 -16.30 1.36 -10.23
C ALA A 137 -16.97 0.50 -11.31
N ALA A 138 -16.14 -0.12 -12.15
CA ALA A 138 -16.64 -1.03 -13.16
C ALA A 138 -17.59 -2.09 -12.58
N ARG A 139 -17.26 -2.61 -11.40
CA ARG A 139 -18.05 -3.69 -10.80
C ARG A 139 -19.26 -3.24 -9.99
N THR A 140 -19.35 -1.94 -9.75
CA THR A 140 -20.53 -1.38 -9.05
C THR A 140 -20.92 -0.08 -9.72
N ASP A 141 -20.74 1.02 -9.00
CA ASP A 141 -20.98 2.35 -9.54
C ASP A 141 -19.93 3.25 -8.90
N PRO A 142 -19.75 4.47 -9.44
CA PRO A 142 -18.65 5.32 -9.00
C PRO A 142 -18.78 5.63 -7.51
N THR A 143 -20.00 5.99 -7.10
CA THR A 143 -20.20 6.43 -5.73
C THR A 143 -19.72 5.35 -4.74
N THR A 144 -20.36 4.18 -4.83
CA THR A 144 -19.98 2.99 -4.08
C THR A 144 -18.49 2.73 -4.03
N ALA A 145 -17.86 2.81 -5.20
CA ALA A 145 -16.44 2.56 -5.30
C ALA A 145 -15.61 3.54 -4.44
N ARG A 146 -15.93 4.83 -4.49
CA ARG A 146 -15.25 5.81 -3.66
C ARG A 146 -15.50 5.47 -2.19
N ALA A 147 -16.73 5.09 -1.89
CA ALA A 147 -17.05 4.68 -0.55
C ALA A 147 -16.26 3.43 -0.16
N LEU A 148 -16.26 2.43 -1.02
CA LEU A 148 -15.56 1.21 -0.68
C LEU A 148 -14.13 1.56 -0.36
N VAL A 149 -13.50 2.24 -1.30
CA VAL A 149 -12.12 2.66 -1.15
C VAL A 149 -11.86 3.42 0.17
N ALA A 150 -12.69 4.41 0.47
CA ALA A 150 -12.49 5.20 1.66
C ALA A 150 -12.50 4.32 2.93
N VAL A 151 -13.33 3.30 2.93
CA VAL A 151 -13.44 2.46 4.10
C VAL A 151 -12.31 1.44 4.21
N LEU A 152 -11.80 0.95 3.09
CA LEU A 152 -10.59 0.14 3.12
C LEU A 152 -9.50 0.85 3.93
N ASP A 153 -9.18 2.07 3.51
CA ASP A 153 -8.18 2.88 4.21
C ASP A 153 -8.50 3.08 5.68
N GLY A 154 -9.73 3.46 5.97
CA GLY A 154 -10.19 3.64 7.34
C GLY A 154 -10.00 2.40 8.18
N ILE A 155 -10.69 1.32 7.80
CA ILE A 155 -10.50 0.03 8.44
C ILE A 155 -9.00 -0.27 8.64
N CYS A 156 -8.20 -0.18 7.58
CA CYS A 156 -6.78 -0.45 7.72
C CYS A 156 -6.17 0.49 8.74
N LEU A 157 -6.49 1.78 8.58
CA LEU A 157 -5.95 2.78 9.49
C LEU A 157 -6.16 2.31 10.92
N GLN A 158 -7.41 2.26 11.35
CA GLN A 158 -7.79 1.76 12.66
C GLN A 158 -6.97 0.58 13.16
N VAL A 159 -6.79 -0.42 12.31
CA VAL A 159 -6.08 -1.62 12.73
C VAL A 159 -4.61 -1.34 13.14
N LEU A 160 -4.03 -0.26 12.63
CA LEU A 160 -2.65 0.05 12.94
C LEU A 160 -2.55 1.08 14.05
N LEU A 161 -3.39 2.10 13.94
CA LEU A 161 -3.42 3.17 14.93
C LEU A 161 -3.88 2.65 16.29
N THR A 162 -4.84 1.72 16.27
CA THR A 162 -5.33 1.08 17.49
C THR A 162 -4.57 -0.20 17.81
N ASP A 163 -3.71 -0.60 16.89
CA ASP A 163 -2.91 -1.82 16.99
C ASP A 163 -3.71 -3.10 17.28
N THR A 164 -5.02 -3.04 17.04
CA THR A 164 -5.92 -4.18 17.23
C THR A 164 -5.71 -5.22 16.12
N PRO A 165 -6.22 -6.45 16.31
CA PRO A 165 -6.24 -7.34 15.13
C PRO A 165 -7.47 -7.11 14.27
N TYR A 166 -7.29 -7.32 12.97
CA TYR A 166 -8.32 -7.15 11.96
C TYR A 166 -9.50 -8.08 12.22
N ASP A 167 -10.69 -7.50 12.19
CA ASP A 167 -11.89 -8.28 12.39
C ASP A 167 -12.52 -8.43 11.01
N GLU A 168 -12.44 -9.63 10.45
CA GLU A 168 -12.81 -9.86 9.05
C GLU A 168 -14.33 -9.93 8.88
N GLU A 169 -15.01 -10.45 9.90
CA GLU A 169 -16.46 -10.52 9.91
C GLU A 169 -16.96 -9.09 9.89
N TYR A 170 -16.26 -8.27 10.66
CA TYR A 170 -16.55 -6.86 10.82
C TYR A 170 -16.45 -6.12 9.50
N ALA A 171 -15.33 -6.28 8.81
CA ALA A 171 -15.14 -5.53 7.59
C ALA A 171 -16.22 -5.97 6.61
N ARG A 172 -16.44 -7.28 6.55
CA ARG A 172 -17.44 -7.86 5.66
C ARG A 172 -18.77 -7.17 5.87
N GLU A 173 -19.21 -7.15 7.11
CA GLU A 173 -20.42 -6.43 7.47
C GLU A 173 -20.43 -4.97 6.99
N VAL A 174 -19.33 -4.25 7.23
CA VAL A 174 -19.28 -2.81 6.96
C VAL A 174 -19.39 -2.56 5.47
N LEU A 175 -18.53 -3.29 4.75
CA LEU A 175 -18.48 -3.24 3.30
C LEU A 175 -19.85 -3.53 2.67
N THR A 176 -20.52 -4.58 3.14
CA THR A 176 -21.85 -4.94 2.64
C THR A 176 -22.85 -3.77 2.70
N ARG A 177 -22.73 -2.95 3.73
CA ARG A 177 -23.65 -1.81 3.89
C ARG A 177 -23.47 -0.72 2.85
N LEU A 178 -22.29 -0.65 2.28
CA LEU A 178 -21.99 0.36 1.29
C LEU A 178 -22.40 -0.17 -0.06
N ILE A 179 -22.68 -1.45 -0.13
CA ILE A 179 -23.06 -2.07 -1.37
C ILE A 179 -24.60 -2.15 -1.42
N PRO A 180 -25.18 -1.56 -2.48
CA PRO A 180 -26.61 -1.30 -2.75
C PRO A 180 -27.42 -2.41 -3.44
N VAL A 181 -28.70 -2.12 -3.71
CA VAL A 181 -29.67 -3.08 -4.26
C VAL A 181 -29.75 -4.36 -3.44
#